data_6CO3
#
_entry.id   6CO3
#
_cell.length_a   141.659
_cell.length_b   64.844
_cell.length_c   67.280
_cell.angle_alpha   90.00
_cell.angle_beta   95.63
_cell.angle_gamma   90.00
#
_symmetry.space_group_name_H-M   'C 1 2 1'
#
loop_
_entity.id
_entity.type
_entity.pdbx_description
1 polymer 'Fab light chain'
2 polymer 'Fab heavy chain'
3 polymer ALA-GLU-PHE-ARG-HIS-ASP
4 non-polymer 'SULFATE ION'
5 water water
#
loop_
_entity_poly.entity_id
_entity_poly.type
_entity_poly.pdbx_seq_one_letter_code
_entity_poly.pdbx_strand_id
1 'polypeptide(L)'
;DIQMTQSPSSLSASVGDRVTITCRASQSISSYLNWYQQKPGKAPKLLIYAASSLQSGVPSRFSGSGSGTDFTLTISSLQP
EDFATYYCQQSYSTPLTFGGGTKVEIKRTVAAPSVFIFPPSDEQLKSGTASVVCLLNNFYPREAKVQWKVDNALQSGNSQ
ESVTEQDSKDSTYSLSSTLTLSKADYEKHKVYACEVTHQGLSSPVTKSFNRGEC
;
L
2 'polypeptide(L)'
;QVQLVESGGGVVQPGRSLRLSCAASGFAFSSYGMHWVRQAPGKGLEWVAVIWFDGTKKYYTDSVKGRFTISRDNSKNTLY
LQMNTLRAEDTAVYYCARDRGIGARRGPYYMDVWGKGTTVTVSSASTKGPSVFPLAPSSKSTSGGTAALGCLVKDYFPEP
VTVSWNSGALTSGVHTFPAVLQSSGLYSLSSVVTVPSSSLGTQTYICNVNHKPSNTKVDKRVEPKSC
;
H
3 'polypeptide(L)' DAEFRHDSGYE Q
#
loop_
_chem_comp.id
_chem_comp.type
_chem_comp.name
_chem_comp.formula
SO4 non-polymer 'SULFATE ION' 'O4 S -2'
#
# COMPACT_ATOMS: atom_id res chain seq x y z
N ASP A 1 -1.42 -26.60 3.24
CA ASP A 1 -0.97 -25.22 3.38
C ASP A 1 -1.47 -24.64 4.70
N ILE A 2 -0.58 -23.94 5.38
CA ILE A 2 -0.88 -23.38 6.68
C ILE A 2 -1.31 -21.94 6.60
N GLN A 3 -2.42 -21.62 7.24
CA GLN A 3 -2.92 -20.28 7.24
C GLN A 3 -2.48 -19.53 8.48
N MET A 4 -2.04 -18.30 8.29
CA MET A 4 -1.58 -17.44 9.38
C MET A 4 -2.60 -16.34 9.57
N THR A 5 -3.28 -16.35 10.72
CA THR A 5 -4.30 -15.37 11.06
C THR A 5 -3.72 -14.40 12.09
N GLN A 6 -3.75 -13.12 11.77
CA GLN A 6 -3.14 -12.07 12.58
C GLN A 6 -4.23 -11.20 13.19
N SER A 7 -4.08 -10.86 14.47
CA SER A 7 -5.11 -10.08 15.13
C SER A 7 -4.50 -9.17 16.19
N PRO A 8 -5.00 -7.94 16.36
CA PRO A 8 -6.04 -7.39 15.48
C PRO A 8 -5.44 -6.87 14.18
N SER A 9 -6.25 -6.67 13.14
CA SER A 9 -5.71 -6.12 11.90
C SER A 9 -5.20 -4.70 12.08
N SER A 10 -5.68 -3.99 13.10
CA SER A 10 -5.22 -2.64 13.40
C SER A 10 -5.34 -2.40 14.90
N LEU A 11 -4.58 -1.43 15.39
CA LEU A 11 -4.70 -1.02 16.79
C LEU A 11 -4.06 0.35 16.96
N SER A 12 -4.59 1.11 17.91
CA SER A 12 -4.04 2.41 18.29
C SER A 12 -3.29 2.32 19.61
N ALA A 13 -2.28 3.17 19.75
CA ALA A 13 -1.43 3.18 20.94
C ALA A 13 -0.71 4.51 21.00
N SER A 14 -0.06 4.76 22.13
CA SER A 14 0.69 5.98 22.34
C SER A 14 2.09 5.63 22.85
N VAL A 15 2.98 6.61 22.77
CA VAL A 15 4.37 6.40 23.15
C VAL A 15 4.44 5.95 24.60
N GLY A 16 5.18 4.87 24.84
CA GLY A 16 5.35 4.31 26.17
C GLY A 16 4.43 3.14 26.47
N ASP A 17 3.35 2.97 25.71
CA ASP A 17 2.40 1.89 25.95
C ASP A 17 3.05 0.52 25.75
N ARG A 18 2.37 -0.50 26.28
CA ARG A 18 2.73 -1.89 26.03
C ARG A 18 1.77 -2.47 25.01
N VAL A 19 2.32 -2.99 23.91
CA VAL A 19 1.52 -3.49 22.79
C VAL A 19 1.81 -4.97 22.62
N THR A 20 0.77 -5.74 22.27
CA THR A 20 0.95 -7.15 21.94
C THR A 20 0.11 -7.49 20.71
N ILE A 21 0.68 -8.33 19.85
CA ILE A 21 0.05 -8.78 18.60
C ILE A 21 0.04 -10.29 18.58
N THR A 22 -0.94 -10.90 17.94
CA THR A 22 -1.06 -12.35 17.86
C THR A 22 -1.16 -12.93 16.44
N CYS A 23 -0.42 -14.02 16.19
CA CYS A 23 -0.45 -14.75 14.91
C CYS A 23 -0.96 -16.14 15.34
N ARG A 24 -1.95 -16.69 14.65
CA ARG A 24 -2.46 -18.03 14.97
C ARG A 24 -2.32 -18.92 13.74
N ALA A 25 -1.80 -20.14 13.90
CA ALA A 25 -1.57 -21.00 12.75
C ALA A 25 -2.65 -22.07 12.66
N SER A 26 -3.08 -22.37 11.44
CA SER A 26 -4.14 -23.36 11.25
C SER A 26 -3.72 -24.76 11.68
N GLN A 27 -2.41 -25.00 11.85
CA GLN A 27 -1.93 -26.25 12.42
C GLN A 27 -0.54 -26.00 12.99
N SER A 28 -0.04 -26.98 13.74
CA SER A 28 1.19 -26.80 14.49
C SER A 28 2.36 -26.54 13.56
N ILE A 29 3.13 -25.49 13.88
CA ILE A 29 4.36 -25.16 13.19
C ILE A 29 5.57 -25.25 14.13
N SER A 30 5.40 -25.96 15.25
CA SER A 30 6.43 -26.08 16.30
C SER A 30 6.74 -24.66 16.76
N SER A 31 7.97 -24.17 16.60
CA SER A 31 8.30 -22.78 16.90
C SER A 31 9.00 -22.12 15.73
N TYR A 32 8.68 -22.52 14.51
CA TYR A 32 9.26 -21.86 13.36
C TYR A 32 8.38 -20.67 13.04
N LEU A 33 8.40 -19.66 13.88
CA LEU A 33 7.60 -18.47 13.66
C LEU A 33 8.49 -17.24 13.67
N ASN A 34 8.30 -16.34 12.72
CA ASN A 34 9.12 -15.15 12.62
C ASN A 34 8.26 -13.91 12.64
N TRP A 35 8.82 -12.80 13.07
CA TRP A 35 8.12 -11.52 13.11
C TRP A 35 8.92 -10.48 12.34
N TYR A 36 8.22 -9.70 11.52
CA TYR A 36 8.84 -8.67 10.70
C TYR A 36 8.13 -7.35 10.92
N GLN A 37 8.90 -6.27 10.79
CA GLN A 37 8.39 -4.91 10.86
C GLN A 37 8.56 -4.24 9.50
N GLN A 38 7.55 -3.49 9.08
CA GLN A 38 7.62 -2.79 7.80
C GLN A 38 7.00 -1.43 7.93
N LYS A 39 7.68 -0.42 7.40
CA LYS A 39 7.20 0.94 7.30
C LYS A 39 6.88 1.27 5.85
N PRO A 40 5.97 2.22 5.60
CA PRO A 40 5.54 2.48 4.23
C PRO A 40 6.70 2.80 3.28
N GLY A 41 6.73 2.06 2.17
CA GLY A 41 7.75 2.24 1.14
C GLY A 41 9.08 1.58 1.43
N LYS A 42 9.21 0.87 2.55
CA LYS A 42 10.47 0.26 2.94
C LYS A 42 10.33 -1.25 2.96
N ALA A 43 11.46 -1.93 2.85
CA ALA A 43 11.50 -3.37 2.87
C ALA A 43 11.27 -3.88 4.29
N PRO A 44 10.78 -5.11 4.44
CA PRO A 44 10.59 -5.66 5.78
C PRO A 44 11.90 -5.76 6.55
N LYS A 45 11.77 -5.80 7.87
CA LYS A 45 12.91 -5.89 8.78
C LYS A 45 12.60 -7.00 9.78
N LEU A 46 13.52 -7.96 9.89
CA LEU A 46 13.35 -9.07 10.81
C LEU A 46 13.56 -8.60 12.24
N LEU A 47 12.60 -8.94 13.12
CA LEU A 47 12.68 -8.64 14.54
C LEU A 47 12.98 -9.88 15.37
N ILE A 48 12.28 -10.97 15.11
CA ILE A 48 12.30 -12.17 15.94
C ILE A 48 12.23 -13.39 15.05
N TYR A 49 13.05 -14.41 15.37
CA TYR A 49 12.97 -15.69 14.70
C TYR A 49 12.86 -16.79 15.75
N ALA A 50 12.42 -17.97 15.31
CA ALA A 50 12.25 -19.13 16.18
C ALA A 50 11.34 -18.80 17.36
N ALA A 51 10.30 -18.00 17.09
CA ALA A 51 9.27 -17.65 18.06
C ALA A 51 9.77 -16.70 19.16
N SER A 52 10.96 -16.95 19.72
CA SER A 52 11.46 -16.15 20.83
C SER A 52 12.86 -15.58 20.63
N SER A 53 13.67 -16.14 19.74
CA SER A 53 15.00 -15.57 19.52
C SER A 53 14.90 -14.21 18.86
N LEU A 54 15.74 -13.28 19.30
CA LEU A 54 15.72 -11.90 18.83
C LEU A 54 16.86 -11.68 17.85
N GLN A 55 16.55 -11.10 16.69
CA GLN A 55 17.58 -10.87 15.68
C GLN A 55 18.63 -9.90 16.21
N SER A 56 19.89 -10.20 15.92
CA SER A 56 20.99 -9.36 16.39
C SER A 56 20.80 -7.91 15.97
N GLY A 57 20.87 -7.01 16.93
CA GLY A 57 20.76 -5.59 16.69
C GLY A 57 19.41 -4.97 16.98
N VAL A 58 18.38 -5.77 17.24
CA VAL A 58 17.02 -5.28 17.45
C VAL A 58 16.85 -4.87 18.91
N PRO A 59 16.15 -3.76 19.19
CA PRO A 59 16.00 -3.30 20.58
C PRO A 59 15.43 -4.37 21.50
N SER A 60 15.74 -4.23 22.80
CA SER A 60 15.42 -5.26 23.78
C SER A 60 13.96 -5.29 24.18
N ARG A 61 13.24 -4.24 23.83
CA ARG A 61 11.82 -4.12 24.11
C ARG A 61 10.98 -5.16 23.37
N PHE A 62 11.45 -5.58 22.20
CA PHE A 62 10.74 -6.55 21.38
C PHE A 62 10.94 -7.94 21.96
N SER A 63 9.85 -8.69 22.13
CA SER A 63 9.93 -10.06 22.60
C SER A 63 8.80 -10.86 21.98
N GLY A 64 9.02 -12.16 21.86
CA GLY A 64 8.02 -13.04 21.29
C GLY A 64 7.92 -14.33 22.09
N SER A 65 6.71 -14.85 22.16
CA SER A 65 6.45 -16.08 22.88
C SER A 65 5.43 -16.91 22.12
N GLY A 66 5.44 -18.21 22.37
CA GLY A 66 4.46 -19.09 21.76
C GLY A 66 5.06 -20.37 21.19
N SER A 67 4.21 -21.36 20.97
CA SER A 67 4.63 -22.61 20.34
C SER A 67 3.38 -23.32 19.82
N GLY A 68 3.60 -24.22 18.87
CA GLY A 68 2.51 -24.94 18.25
C GLY A 68 1.71 -24.07 17.30
N THR A 69 0.63 -23.47 17.79
CA THR A 69 -0.30 -22.73 16.94
C THR A 69 -0.57 -21.30 17.39
N ASP A 70 -0.21 -20.90 18.60
CA ASP A 70 -0.50 -19.56 19.09
C ASP A 70 0.80 -18.86 19.46
N PHE A 71 0.94 -17.61 19.02
CA PHE A 71 2.18 -16.86 19.17
C PHE A 71 1.87 -15.40 19.45
N THR A 72 2.78 -14.76 20.18
CA THR A 72 2.62 -13.38 20.62
C THR A 72 3.88 -12.58 20.32
N LEU A 73 3.69 -11.35 19.87
CA LEU A 73 4.77 -10.37 19.73
C LEU A 73 4.53 -9.24 20.71
N THR A 74 5.53 -8.91 21.51
CA THR A 74 5.39 -7.92 22.58
C THR A 74 6.40 -6.81 22.41
N ILE A 75 5.92 -5.57 22.44
CA ILE A 75 6.75 -4.39 22.66
C ILE A 75 6.51 -3.95 24.10
N SER A 76 7.59 -3.86 24.88
CA SER A 76 7.46 -3.52 26.29
C SER A 76 6.94 -2.10 26.45
N SER A 77 7.77 -1.10 26.19
CA SER A 77 7.35 0.29 26.18
C SER A 77 7.54 0.84 24.77
N LEU A 78 6.46 1.32 24.17
CA LEU A 78 6.47 1.74 22.79
C LEU A 78 7.39 2.95 22.59
N GLN A 79 7.79 3.14 21.35
CA GLN A 79 8.66 4.22 20.95
C GLN A 79 8.07 4.88 19.72
N PRO A 80 8.50 6.10 19.42
CA PRO A 80 7.93 6.80 18.26
C PRO A 80 8.19 6.08 16.95
N GLU A 81 9.36 5.51 16.78
CA GLU A 81 9.69 4.78 15.56
C GLU A 81 8.90 3.49 15.34
N ASP A 82 8.42 2.89 16.41
CA ASP A 82 7.70 1.63 16.36
C ASP A 82 6.36 1.59 15.63
N PHE A 83 5.72 2.74 15.47
CA PHE A 83 4.48 2.83 14.74
C PHE A 83 4.73 2.37 13.31
N ALA A 84 4.30 1.15 13.00
CA ALA A 84 4.58 0.50 11.73
C ALA A 84 3.66 -0.70 11.63
N THR A 85 3.78 -1.44 10.53
CA THR A 85 3.00 -2.64 10.31
C THR A 85 3.87 -3.87 10.60
N TYR A 86 3.26 -4.86 11.26
CA TYR A 86 3.96 -6.06 11.69
C TYR A 86 3.31 -7.29 11.07
N TYR A 87 4.14 -8.15 10.48
CA TYR A 87 3.70 -9.40 9.87
C TYR A 87 4.37 -10.57 10.58
N CYS A 88 3.62 -11.65 10.77
CA CYS A 88 4.23 -12.92 11.17
C CYS A 88 4.39 -13.82 9.95
N GLN A 89 5.29 -14.78 10.06
CA GLN A 89 5.55 -15.73 8.98
C GLN A 89 5.97 -17.07 9.55
N GLN A 90 5.32 -18.14 9.10
CA GLN A 90 5.70 -19.48 9.49
C GLN A 90 6.78 -19.99 8.54
N SER A 91 7.78 -20.66 9.09
CA SER A 91 8.89 -21.22 8.33
C SER A 91 8.97 -22.72 8.52
N TYR A 92 7.85 -23.36 8.82
CA TYR A 92 7.82 -24.79 9.10
C TYR A 92 7.74 -25.62 7.83
N SER A 93 6.92 -25.20 6.86
CA SER A 93 6.68 -26.00 5.68
C SER A 93 6.27 -25.12 4.51
N THR A 94 6.74 -25.48 3.32
CA THR A 94 6.31 -24.80 2.11
C THR A 94 4.90 -25.21 1.73
N PRO A 95 4.07 -24.28 1.25
CA PRO A 95 4.41 -22.88 1.01
C PRO A 95 4.50 -22.05 2.27
N LEU A 96 5.56 -21.25 2.37
CA LEU A 96 5.71 -20.33 3.50
C LEU A 96 4.67 -19.23 3.41
N THR A 97 4.05 -18.91 4.54
CA THR A 97 2.92 -17.98 4.55
C THR A 97 3.14 -16.89 5.58
N PHE A 98 2.76 -15.67 5.21
CA PHE A 98 2.73 -14.53 6.10
C PHE A 98 1.32 -14.32 6.65
N GLY A 99 1.25 -13.67 7.81
CA GLY A 99 -0.02 -13.20 8.32
C GLY A 99 -0.49 -11.96 7.56
N GLY A 100 -1.73 -11.57 7.86
CA GLY A 100 -2.33 -10.45 7.15
C GLY A 100 -1.73 -9.09 7.47
N GLY A 101 -1.03 -8.98 8.60
CA GLY A 101 -0.47 -7.72 8.98
C GLY A 101 -1.22 -7.04 10.11
N THR A 102 -0.50 -6.40 11.01
CA THR A 102 -1.08 -5.63 12.10
C THR A 102 -0.46 -4.24 12.07
N LYS A 103 -1.28 -3.24 11.79
CA LYS A 103 -0.81 -1.87 11.75
C LYS A 103 -0.92 -1.24 13.15
N VAL A 104 0.18 -0.68 13.62
CA VAL A 104 0.24 0.00 14.90
C VAL A 104 0.27 1.50 14.61
N GLU A 105 -0.80 2.21 14.98
CA GLU A 105 -0.96 3.61 14.68
C GLU A 105 -0.98 4.43 15.97
N ILE A 106 -0.91 5.75 15.82
CA ILE A 106 -0.79 6.67 16.95
C ILE A 106 -2.18 6.98 17.50
N LYS A 107 -2.34 6.81 18.81
CA LYS A 107 -3.61 7.13 19.45
C LYS A 107 -3.71 8.62 19.71
N ARG A 108 -4.92 9.13 19.49
CA ARG A 108 -5.25 10.53 19.70
C ARG A 108 -6.74 10.61 19.99
N THR A 109 -7.18 11.76 20.46
CA THR A 109 -8.59 11.98 20.76
C THR A 109 -9.42 12.02 19.49
N VAL A 110 -10.70 11.70 19.60
CA VAL A 110 -11.59 11.71 18.46
C VAL A 110 -11.68 13.08 17.85
N ALA A 111 -11.68 13.13 16.52
CA ALA A 111 -11.82 14.36 15.76
C ALA A 111 -12.81 14.05 14.64
N ALA A 112 -13.63 15.02 14.30
CA ALA A 112 -14.66 14.87 13.28
C ALA A 112 -14.16 15.32 11.91
N PRO A 113 -14.68 14.74 10.83
CA PRO A 113 -14.24 15.16 9.49
C PRO A 113 -15.00 16.40 9.02
N SER A 114 -14.25 17.31 8.39
CA SER A 114 -14.84 18.45 7.69
C SER A 114 -15.15 18.00 6.27
N VAL A 115 -16.42 17.86 5.94
CA VAL A 115 -16.83 17.27 4.68
C VAL A 115 -17.07 18.37 3.64
N PHE A 116 -16.48 18.20 2.46
CA PHE A 116 -16.72 19.02 1.30
C PHE A 116 -17.13 18.12 0.14
N ILE A 117 -17.83 18.69 -0.82
CA ILE A 117 -18.20 17.98 -2.04
C ILE A 117 -17.94 18.89 -3.22
N PHE A 118 -17.49 18.30 -4.32
CA PHE A 118 -17.10 19.05 -5.51
C PHE A 118 -17.86 18.52 -6.71
N PRO A 119 -18.66 19.33 -7.38
CA PRO A 119 -19.28 18.90 -8.63
C PRO A 119 -18.23 18.74 -9.71
N PRO A 120 -18.54 18.01 -10.78
CA PRO A 120 -17.60 17.91 -11.89
C PRO A 120 -17.42 19.24 -12.61
N SER A 121 -16.20 19.50 -13.06
CA SER A 121 -15.92 20.68 -13.86
C SER A 121 -16.57 20.57 -15.23
N ASP A 122 -16.88 21.72 -15.83
CA ASP A 122 -17.34 21.71 -17.20
C ASP A 122 -16.25 21.24 -18.16
N GLU A 123 -15.01 21.44 -17.75
CA GLU A 123 -13.87 21.02 -18.56
C GLU A 123 -13.94 19.51 -18.71
N GLN A 124 -14.19 18.85 -17.59
CA GLN A 124 -14.34 17.40 -17.59
C GLN A 124 -15.57 16.98 -18.35
N LEU A 125 -16.62 17.76 -18.21
CA LEU A 125 -17.90 17.44 -18.82
C LEU A 125 -17.87 17.33 -20.34
N LYS A 126 -17.05 18.14 -21.00
CA LYS A 126 -16.92 18.06 -22.44
C LYS A 126 -16.42 16.69 -22.90
N SER A 127 -15.49 16.11 -22.15
CA SER A 127 -14.89 14.82 -22.45
C SER A 127 -15.87 13.66 -22.48
N GLY A 128 -16.94 13.72 -21.70
CA GLY A 128 -17.91 12.65 -21.66
C GLY A 128 -17.96 11.86 -20.37
N THR A 129 -17.25 12.33 -19.36
CA THR A 129 -17.23 11.66 -18.08
C THR A 129 -17.43 12.70 -17.00
N ALA A 130 -17.88 12.28 -15.82
CA ALA A 130 -18.16 13.17 -14.70
C ALA A 130 -17.72 12.50 -13.41
N SER A 131 -16.85 13.18 -12.66
CA SER A 131 -16.36 12.70 -11.37
C SER A 131 -16.81 13.65 -10.28
N VAL A 132 -17.48 13.11 -9.26
CA VAL A 132 -17.92 13.87 -8.10
C VAL A 132 -17.04 13.46 -6.93
N VAL A 133 -16.31 14.43 -6.38
CA VAL A 133 -15.40 14.18 -5.27
C VAL A 133 -16.04 14.63 -3.97
N CYS A 134 -15.88 13.82 -2.93
CA CYS A 134 -16.31 14.15 -1.58
C CYS A 134 -15.10 14.02 -0.67
N LEU A 135 -14.76 15.10 0.02
CA LEU A 135 -13.52 15.19 0.79
C LEU A 135 -13.84 15.14 2.29
N LEU A 136 -13.46 14.03 2.92
CA LEU A 136 -13.43 13.96 4.39
C LEU A 136 -12.05 14.37 4.84
N ASN A 137 -11.96 15.38 5.70
CA ASN A 137 -10.67 15.99 6.03
C ASN A 137 -10.39 15.94 7.52
N ASN A 138 -9.21 15.43 7.87
CA ASN A 138 -8.64 15.51 9.23
C ASN A 138 -9.63 15.04 10.29
N PHE A 139 -9.91 13.74 10.22
CA PHE A 139 -10.76 13.07 11.19
C PHE A 139 -9.97 12.00 11.94
N TYR A 140 -10.62 11.44 12.97
CA TYR A 140 -10.02 10.38 13.77
C TYR A 140 -11.12 9.73 14.59
N PRO A 141 -11.13 8.40 14.74
CA PRO A 141 -10.16 7.46 14.18
C PRO A 141 -10.32 7.21 12.68
N ARG A 142 -9.57 6.25 12.15
CA ARG A 142 -9.57 5.95 10.74
C ARG A 142 -10.91 5.49 10.21
N GLU A 143 -11.62 4.69 10.97
CA GLU A 143 -12.88 4.15 10.51
C GLU A 143 -13.87 5.24 10.17
N ALA A 144 -14.48 5.11 9.01
CA ALA A 144 -15.49 6.04 8.55
C ALA A 144 -16.30 5.37 7.47
N LYS A 145 -17.48 5.91 7.21
CA LYS A 145 -18.33 5.42 6.14
C LYS A 145 -18.77 6.60 5.29
N VAL A 146 -18.73 6.40 3.97
CA VAL A 146 -19.17 7.41 3.01
C VAL A 146 -20.25 6.80 2.14
N GLN A 147 -21.33 7.54 1.93
CA GLN A 147 -22.49 7.04 1.21
C GLN A 147 -22.92 8.06 0.16
N TRP A 148 -23.00 7.61 -1.09
CA TRP A 148 -23.39 8.45 -2.21
C TRP A 148 -24.86 8.23 -2.55
N LYS A 149 -25.60 9.32 -2.71
CA LYS A 149 -26.98 9.28 -3.16
C LYS A 149 -27.16 10.26 -4.31
N VAL A 150 -27.87 9.81 -5.35
CA VAL A 150 -28.15 10.62 -6.53
C VAL A 150 -29.66 10.60 -6.72
N ASP A 151 -30.34 11.68 -6.33
CA ASP A 151 -31.80 11.73 -6.26
C ASP A 151 -32.33 10.59 -5.38
N ASN A 152 -31.69 10.44 -4.22
CA ASN A 152 -31.99 9.42 -3.21
C ASN A 152 -31.63 8.01 -3.66
N ALA A 153 -31.28 7.83 -4.93
CA ALA A 153 -30.84 6.52 -5.41
C ALA A 153 -29.45 6.23 -4.85
N LEU A 154 -29.37 5.24 -3.95
CA LEU A 154 -28.11 4.88 -3.34
C LEU A 154 -27.13 4.36 -4.38
N GLN A 155 -25.89 4.85 -4.32
CA GLN A 155 -24.85 4.45 -5.25
C GLN A 155 -23.95 3.40 -4.60
N SER A 156 -23.73 2.29 -5.31
CA SER A 156 -22.94 1.18 -4.79
C SER A 156 -22.10 0.61 -5.92
N GLY A 157 -20.78 0.68 -5.77
CA GLY A 157 -19.85 0.07 -6.71
C GLY A 157 -19.18 1.03 -7.67
N ASN A 158 -19.81 2.16 -7.99
CA ASN A 158 -19.25 3.13 -8.92
C ASN A 158 -18.49 4.25 -8.21
N SER A 159 -17.86 3.94 -7.08
CA SER A 159 -17.06 4.91 -6.36
C SER A 159 -15.82 4.23 -5.83
N GLN A 160 -14.77 5.03 -5.62
CA GLN A 160 -13.53 4.55 -5.03
C GLN A 160 -13.08 5.56 -3.98
N GLU A 161 -12.25 5.10 -3.05
CA GLU A 161 -11.74 6.00 -2.03
C GLU A 161 -10.30 5.64 -1.70
N SER A 162 -9.57 6.65 -1.20
CA SER A 162 -8.20 6.49 -0.76
C SER A 162 -7.97 7.37 0.45
N VAL A 163 -7.09 6.92 1.33
CA VAL A 163 -6.84 7.61 2.59
C VAL A 163 -5.35 7.93 2.69
N THR A 164 -5.05 9.05 3.33
CA THR A 164 -3.66 9.33 3.67
C THR A 164 -3.23 8.49 4.88
N GLU A 165 -1.94 8.52 5.15
CA GLU A 165 -1.47 8.01 6.43
C GLU A 165 -1.68 9.08 7.50
N GLN A 166 -1.33 8.77 8.74
CA GLN A 166 -1.45 9.77 9.79
C GLN A 166 -0.51 10.94 9.53
N ASP A 167 -0.92 12.12 9.95
CA ASP A 167 -0.15 13.32 9.68
C ASP A 167 1.04 13.43 10.62
N SER A 168 2.09 14.10 10.13
CA SER A 168 3.31 14.25 10.91
C SER A 168 3.08 15.06 12.17
N LYS A 169 2.07 15.94 12.16
CA LYS A 169 1.82 16.85 13.28
C LYS A 169 0.67 16.36 14.17
N ASP A 170 -0.51 16.19 13.60
CA ASP A 170 -1.74 15.98 14.38
C ASP A 170 -2.26 14.55 14.33
N SER A 171 -1.60 13.65 13.60
CA SER A 171 -1.96 12.23 13.58
C SER A 171 -3.39 12.01 13.08
N THR A 172 -3.79 12.75 12.06
CA THR A 172 -5.14 12.66 11.51
C THR A 172 -5.13 12.00 10.14
N TYR A 173 -6.32 11.58 9.72
CA TYR A 173 -6.54 10.98 8.42
C TYR A 173 -7.42 11.88 7.56
N SER A 174 -7.26 11.76 6.25
CA SER A 174 -8.12 12.43 5.31
C SER A 174 -8.49 11.45 4.21
N LEU A 175 -9.71 11.56 3.71
CA LEU A 175 -10.26 10.58 2.79
C LEU A 175 -10.93 11.29 1.63
N SER A 176 -10.62 10.83 0.40
CA SER A 176 -11.33 11.27 -0.78
C SER A 176 -12.17 10.11 -1.30
N SER A 177 -13.41 10.40 -1.67
CA SER A 177 -14.30 9.44 -2.29
C SER A 177 -14.75 10.01 -3.62
N THR A 178 -14.51 9.27 -4.70
CA THR A 178 -14.78 9.75 -6.05
C THR A 178 -15.88 8.90 -6.66
N LEU A 179 -17.00 9.55 -6.97
CA LEU A 179 -18.10 8.92 -7.69
C LEU A 179 -17.92 9.16 -9.18
N THR A 180 -18.09 8.11 -9.98
CA THR A 180 -17.88 8.19 -11.42
C THR A 180 -19.18 7.86 -12.13
N LEU A 181 -19.62 8.77 -13.00
CA LEU A 181 -20.84 8.61 -13.78
C LEU A 181 -20.57 9.02 -15.22
N SER A 182 -21.39 8.49 -16.12
CA SER A 182 -21.37 8.98 -17.49
C SER A 182 -21.83 10.43 -17.53
N LYS A 183 -21.52 11.11 -18.64
CA LYS A 183 -22.02 12.46 -18.83
C LYS A 183 -23.54 12.47 -18.88
N ALA A 184 -24.11 11.64 -19.77
CA ALA A 184 -25.57 11.59 -19.90
C ALA A 184 -26.22 11.22 -18.57
N ASP A 185 -25.68 10.21 -17.88
CA ASP A 185 -26.22 9.84 -16.57
C ASP A 185 -26.09 10.98 -15.57
N TYR A 186 -25.04 11.81 -15.70
CA TYR A 186 -24.92 12.96 -14.82
C TYR A 186 -25.97 14.01 -15.14
N GLU A 187 -26.22 14.27 -16.43
CA GLU A 187 -27.21 15.27 -16.83
C GLU A 187 -28.60 14.88 -16.36
N LYS A 188 -28.89 13.58 -16.28
CA LYS A 188 -30.23 13.07 -16.07
C LYS A 188 -30.70 13.21 -14.61
N HIS A 189 -29.87 13.79 -13.75
CA HIS A 189 -30.22 13.92 -12.34
C HIS A 189 -29.85 15.25 -11.71
N LYS A 190 -30.60 15.64 -10.69
CA LYS A 190 -30.36 16.92 -10.07
C LYS A 190 -29.68 16.94 -8.72
N VAL A 191 -29.95 15.98 -7.86
CA VAL A 191 -29.35 16.05 -6.54
C VAL A 191 -28.25 15.04 -6.30
N TYR A 192 -27.10 15.54 -5.92
CA TYR A 192 -25.96 14.68 -5.63
C TYR A 192 -25.52 14.95 -4.19
N ALA A 193 -25.56 13.92 -3.35
CA ALA A 193 -25.28 14.08 -1.93
C ALA A 193 -24.25 13.07 -1.47
N CYS A 194 -23.48 13.47 -0.49
CA CYS A 194 -22.44 12.65 0.05
C CYS A 194 -22.86 12.58 1.50
N GLU A 195 -23.11 11.40 2.01
CA GLU A 195 -23.53 11.26 3.38
C GLU A 195 -22.41 10.61 4.15
N VAL A 196 -21.97 11.24 5.23
CA VAL A 196 -20.87 10.70 5.99
C VAL A 196 -21.17 10.38 7.43
N THR A 197 -20.88 9.16 7.83
CA THR A 197 -21.02 8.75 9.22
C THR A 197 -19.64 8.57 9.83
N HIS A 198 -19.53 8.91 11.12
CA HIS A 198 -18.24 8.89 11.79
C HIS A 198 -18.50 9.01 13.29
N GLN A 199 -17.57 8.48 14.08
CA GLN A 199 -17.74 8.47 15.53
C GLN A 199 -17.76 9.89 16.09
N GLY A 200 -16.87 10.75 15.60
CA GLY A 200 -16.83 12.13 16.04
C GLY A 200 -18.04 12.94 15.64
N LEU A 201 -18.85 12.40 14.74
CA LEU A 201 -20.03 13.10 14.29
C LEU A 201 -21.22 12.55 15.00
N SER A 202 -21.99 13.42 15.63
CA SER A 202 -23.18 13.00 16.34
C SER A 202 -24.23 12.41 15.40
N SER A 203 -24.38 12.99 14.21
CA SER A 203 -25.34 12.48 13.25
C SER A 203 -24.79 12.48 11.82
N PRO A 204 -25.25 11.53 11.00
CA PRO A 204 -24.63 11.49 9.67
C PRO A 204 -24.70 12.81 8.92
N VAL A 205 -23.55 13.46 8.74
CA VAL A 205 -23.48 14.71 7.99
C VAL A 205 -23.73 14.44 6.51
N THR A 206 -24.47 15.33 5.86
CA THR A 206 -24.79 15.21 4.45
C THR A 206 -24.46 16.53 3.76
N LYS A 207 -23.53 16.47 2.80
CA LYS A 207 -23.20 17.61 1.96
C LYS A 207 -23.67 17.31 0.55
N SER A 208 -24.36 18.26 -0.07
CA SER A 208 -25.00 18.01 -1.36
C SER A 208 -24.84 19.23 -2.25
N PHE A 209 -25.35 19.09 -3.48
CA PHE A 209 -25.45 20.19 -4.43
C PHE A 209 -26.48 19.81 -5.48
N ASN A 210 -26.81 20.76 -6.34
CA ASN A 210 -27.68 20.53 -7.48
C ASN A 210 -26.94 20.89 -8.76
N ARG A 211 -27.33 20.23 -9.83
CA ARG A 211 -26.70 20.41 -11.10
C ARG A 211 -26.69 21.87 -11.49
N GLN B 1 29.13 -4.76 5.02
CA GLN B 1 28.19 -4.30 4.03
C GLN B 1 27.63 -5.47 3.23
N VAL B 2 26.53 -5.99 3.70
CA VAL B 2 25.86 -7.08 3.05
C VAL B 2 24.76 -6.46 2.22
N GLN B 3 24.68 -6.81 0.95
CA GLN B 3 23.64 -6.20 0.15
C GLN B 3 22.94 -7.11 -0.84
N LEU B 4 21.67 -6.81 -1.03
CA LEU B 4 20.84 -7.50 -2.00
C LEU B 4 20.20 -6.39 -2.82
N VAL B 5 20.35 -6.45 -4.14
CA VAL B 5 19.83 -5.40 -5.02
C VAL B 5 19.03 -6.05 -6.13
N GLU B 6 17.72 -5.80 -6.17
CA GLU B 6 16.86 -6.32 -7.22
C GLU B 6 16.86 -5.37 -8.42
N SER B 7 16.68 -5.96 -9.60
CA SER B 7 16.47 -5.20 -10.81
C SER B 7 15.64 -6.04 -11.77
N GLY B 8 15.24 -5.44 -12.89
CA GLY B 8 14.47 -6.12 -13.90
C GLY B 8 13.01 -5.73 -13.95
N GLY B 9 12.50 -5.07 -12.90
CA GLY B 9 11.11 -4.70 -12.87
C GLY B 9 10.76 -3.69 -13.95
N GLY B 10 9.47 -3.62 -14.25
CA GLY B 10 8.98 -2.63 -15.19
C GLY B 10 7.54 -2.91 -15.55
N VAL B 11 7.10 -2.24 -16.60
CA VAL B 11 5.75 -2.41 -17.12
C VAL B 11 5.76 -3.51 -18.17
N VAL B 12 4.86 -4.47 -18.02
CA VAL B 12 4.77 -5.61 -18.93
C VAL B 12 3.29 -5.93 -19.18
N GLN B 13 2.99 -6.40 -20.40
CA GLN B 13 1.62 -6.74 -20.78
C GLN B 13 1.28 -8.17 -20.35
N PRO B 14 0.00 -8.44 -20.11
CA PRO B 14 -0.41 -9.77 -19.69
C PRO B 14 -0.09 -10.83 -20.71
N GLY B 15 0.41 -11.94 -20.22
CA GLY B 15 0.82 -13.07 -21.03
C GLY B 15 2.24 -13.01 -21.50
N ARG B 16 2.91 -11.92 -21.22
CA ARG B 16 4.30 -11.71 -21.58
C ARG B 16 5.25 -12.10 -20.42
N SER B 17 6.55 -11.97 -20.64
CA SER B 17 7.52 -12.39 -19.66
C SER B 17 8.46 -11.32 -19.14
N LEU B 18 8.97 -11.58 -17.95
CA LEU B 18 9.90 -10.67 -17.27
C LEU B 18 10.88 -11.51 -16.48
N ARG B 19 12.16 -11.15 -16.53
CA ARG B 19 13.18 -11.78 -15.69
C ARG B 19 13.65 -10.79 -14.64
N LEU B 20 13.44 -11.12 -13.38
CA LEU B 20 13.99 -10.33 -12.28
C LEU B 20 15.35 -10.88 -11.89
N SER B 21 16.28 -9.97 -11.60
CA SER B 21 17.60 -10.30 -11.08
C SER B 21 17.76 -9.75 -9.66
N CYS B 22 18.68 -10.36 -8.91
CA CYS B 22 19.00 -9.92 -7.55
C CYS B 22 20.50 -10.14 -7.34
N ALA B 23 21.26 -9.06 -7.28
CA ALA B 23 22.71 -9.13 -7.12
C ALA B 23 23.08 -9.06 -5.64
N ALA B 24 23.75 -10.10 -5.16
CA ALA B 24 24.18 -10.19 -3.77
C ALA B 24 25.63 -9.80 -3.64
N SER B 25 25.95 -9.13 -2.54
CA SER B 25 27.34 -8.78 -2.26
C SER B 25 27.53 -8.73 -0.75
N GLY B 26 28.79 -8.91 -0.32
CA GLY B 26 29.15 -8.75 1.07
C GLY B 26 29.01 -9.99 1.93
N PHE B 27 28.70 -11.15 1.37
CA PHE B 27 28.61 -12.39 2.13
C PHE B 27 28.78 -13.57 1.18
N ALA B 28 28.65 -14.77 1.74
CA ALA B 28 28.86 -16.02 1.01
C ALA B 28 27.55 -16.45 0.37
N PHE B 29 27.30 -15.96 -0.84
CA PHE B 29 26.03 -16.20 -1.53
C PHE B 29 25.71 -17.68 -1.65
N SER B 30 26.68 -18.47 -2.13
CA SER B 30 26.46 -19.89 -2.39
C SER B 30 26.26 -20.71 -1.12
N SER B 31 26.22 -20.04 0.05
CA SER B 31 25.99 -20.72 1.32
C SER B 31 24.63 -20.40 1.92
N TYR B 32 23.82 -19.58 1.25
CA TYR B 32 22.49 -19.19 1.72
C TYR B 32 21.41 -19.67 0.75
N GLY B 33 20.25 -20.00 1.31
CA GLY B 33 19.05 -20.10 0.51
C GLY B 33 18.48 -18.71 0.25
N MET B 34 17.78 -18.57 -0.88
CA MET B 34 17.24 -17.29 -1.29
C MET B 34 15.74 -17.40 -1.55
N HIS B 35 15.02 -16.33 -1.26
CA HIS B 35 13.59 -16.26 -1.43
C HIS B 35 13.20 -15.06 -2.25
N TRP B 36 12.03 -15.14 -2.86
CA TRP B 36 11.46 -14.04 -3.57
C TRP B 36 10.15 -13.82 -2.82
N VAL B 37 9.89 -12.59 -2.39
CA VAL B 37 8.67 -12.26 -1.67
C VAL B 37 8.09 -11.06 -2.38
N ARG B 38 6.77 -11.00 -2.49
CA ARG B 38 6.15 -9.91 -3.22
C ARG B 38 5.06 -9.24 -2.39
N GLN B 39 4.75 -8.00 -2.75
CA GLN B 39 3.73 -7.22 -2.06
C GLN B 39 2.89 -6.47 -3.10
N ALA B 40 1.66 -6.90 -3.31
CA ALA B 40 0.77 -6.19 -4.21
C ALA B 40 0.52 -4.78 -3.68
N PRO B 41 0.16 -3.83 -4.55
CA PRO B 41 -0.02 -2.45 -4.11
C PRO B 41 -1.07 -2.34 -3.01
N GLY B 42 -0.64 -1.89 -1.84
CA GLY B 42 -1.52 -1.70 -0.71
C GLY B 42 -1.90 -2.94 0.06
N LYS B 43 -1.31 -4.10 -0.27
CA LYS B 43 -1.64 -5.35 0.38
C LYS B 43 -0.47 -5.84 1.25
N GLY B 44 -0.58 -7.08 1.73
CA GLY B 44 0.41 -7.64 2.64
C GLY B 44 1.53 -8.34 1.89
N LEU B 45 2.36 -9.06 2.65
CA LEU B 45 3.48 -9.80 2.10
C LEU B 45 3.02 -11.18 1.64
N GLU B 46 3.53 -11.60 0.48
CA GLU B 46 3.21 -12.90 -0.09
C GLU B 46 4.50 -13.59 -0.51
N TRP B 47 4.75 -14.77 0.04
CA TRP B 47 5.90 -15.57 -0.37
C TRP B 47 5.68 -16.09 -1.79
N VAL B 48 6.77 -16.17 -2.55
CA VAL B 48 6.72 -16.55 -3.95
C VAL B 48 7.48 -17.85 -4.21
N ALA B 49 8.73 -17.93 -3.75
CA ALA B 49 9.59 -19.06 -4.09
C ALA B 49 10.84 -19.03 -3.22
N VAL B 50 11.43 -20.21 -3.05
CA VAL B 50 12.73 -20.37 -2.38
C VAL B 50 13.59 -21.29 -3.24
N ILE B 51 14.90 -21.04 -3.24
CA ILE B 51 15.86 -21.95 -3.84
C ILE B 51 16.95 -22.27 -2.80
N TRP B 52 17.34 -23.53 -2.74
CA TRP B 52 18.35 -23.99 -1.80
C TRP B 52 19.70 -23.35 -2.11
N PHE B 53 20.57 -23.35 -1.09
CA PHE B 53 21.90 -22.77 -1.23
C PHE B 53 22.66 -23.37 -2.41
N ASP B 54 22.50 -24.67 -2.63
CA ASP B 54 23.18 -25.37 -3.72
C ASP B 54 22.32 -25.48 -4.98
N GLY B 55 21.21 -24.76 -5.04
CA GLY B 55 20.37 -24.75 -6.24
C GLY B 55 19.68 -26.05 -6.57
N THR B 56 19.61 -26.98 -5.61
CA THR B 56 19.12 -28.33 -5.90
C THR B 56 17.64 -28.51 -5.62
N LYS B 57 17.07 -27.76 -4.69
CA LYS B 57 15.65 -27.85 -4.39
C LYS B 57 15.03 -26.49 -4.60
N LYS B 58 13.82 -26.47 -5.18
CA LYS B 58 13.07 -25.26 -5.44
C LYS B 58 11.63 -25.51 -5.06
N TYR B 59 11.00 -24.51 -4.44
CA TYR B 59 9.59 -24.60 -4.11
C TYR B 59 8.93 -23.27 -4.48
N TYR B 60 7.64 -23.35 -4.78
CA TYR B 60 6.89 -22.22 -5.31
C TYR B 60 5.54 -22.15 -4.63
N THR B 61 5.07 -20.92 -4.41
CA THR B 61 3.67 -20.76 -4.05
C THR B 61 2.79 -21.23 -5.21
N ASP B 62 1.56 -21.61 -4.89
CA ASP B 62 0.75 -22.38 -5.83
C ASP B 62 0.39 -21.56 -7.06
N SER B 63 0.05 -20.28 -6.88
CA SER B 63 -0.44 -19.46 -7.97
C SER B 63 0.58 -19.21 -9.07
N VAL B 64 1.86 -19.56 -8.85
CA VAL B 64 2.90 -19.31 -9.84
C VAL B 64 3.55 -20.59 -10.34
N LYS B 65 3.15 -21.75 -9.84
CA LYS B 65 3.67 -23.02 -10.34
C LYS B 65 3.45 -23.12 -11.85
N GLY B 66 4.48 -23.62 -12.54
CA GLY B 66 4.44 -23.73 -13.98
C GLY B 66 4.60 -22.44 -14.73
N ARG B 67 4.60 -21.29 -14.05
CA ARG B 67 4.80 -19.99 -14.68
C ARG B 67 6.12 -19.35 -14.30
N PHE B 68 6.48 -19.40 -13.02
CA PHE B 68 7.70 -18.79 -12.52
C PHE B 68 8.78 -19.85 -12.33
N THR B 69 10.02 -19.45 -12.54
CA THR B 69 11.17 -20.31 -12.33
C THR B 69 12.23 -19.53 -11.55
N ILE B 70 12.63 -20.06 -10.40
CA ILE B 70 13.69 -19.46 -9.59
C ILE B 70 14.98 -20.16 -9.95
N SER B 71 16.05 -19.39 -10.16
CA SER B 71 17.34 -19.96 -10.47
C SER B 71 18.42 -19.15 -9.76
N ARG B 72 19.65 -19.65 -9.80
CA ARG B 72 20.75 -18.92 -9.19
C ARG B 72 22.04 -19.27 -9.92
N ASP B 73 22.93 -18.30 -10.00
CA ASP B 73 24.28 -18.51 -10.55
C ASP B 73 25.26 -18.16 -9.45
N ASN B 74 25.60 -19.15 -8.62
CA ASN B 74 26.47 -18.91 -7.48
C ASN B 74 27.79 -18.28 -7.90
N SER B 75 28.23 -18.53 -9.13
CA SER B 75 29.46 -17.93 -9.63
C SER B 75 29.33 -16.41 -9.74
N LYS B 76 28.16 -15.92 -10.15
CA LYS B 76 27.95 -14.49 -10.35
C LYS B 76 27.33 -13.80 -9.15
N ASN B 77 27.07 -14.53 -8.07
CA ASN B 77 26.38 -14.00 -6.89
C ASN B 77 25.04 -13.37 -7.26
N THR B 78 24.27 -14.08 -8.08
CA THR B 78 23.03 -13.54 -8.60
C THR B 78 21.90 -14.53 -8.42
N LEU B 79 20.76 -14.01 -7.98
CA LEU B 79 19.51 -14.74 -7.91
C LEU B 79 18.60 -14.28 -9.05
N TYR B 80 17.87 -15.20 -9.65
CA TYR B 80 16.99 -14.87 -10.75
C TYR B 80 15.58 -15.37 -10.60
N LEU B 81 14.63 -14.61 -11.12
CA LEU B 81 13.25 -15.06 -11.16
C LEU B 81 12.73 -14.91 -12.59
N GLN B 82 12.38 -16.01 -13.23
CA GLN B 82 11.88 -15.97 -14.60
C GLN B 82 10.39 -16.01 -14.49
N MET B 83 9.75 -14.95 -14.90
CA MET B 83 8.29 -14.81 -14.75
C MET B 83 7.65 -14.91 -16.13
N ASN B 84 7.04 -16.06 -16.41
CA ASN B 84 6.31 -16.25 -17.65
C ASN B 84 4.81 -16.13 -17.42
N THR B 85 4.09 -15.87 -18.52
CA THR B 85 2.63 -15.90 -18.58
C THR B 85 2.03 -15.04 -17.49
N LEU B 86 2.49 -13.79 -17.46
CA LEU B 86 2.14 -12.86 -16.40
C LEU B 86 0.66 -12.51 -16.44
N ARG B 87 0.10 -12.32 -15.24
CA ARG B 87 -1.27 -11.89 -15.06
C ARG B 87 -1.28 -10.58 -14.30
N ALA B 88 -2.42 -9.89 -14.36
CA ALA B 88 -2.59 -8.63 -13.64
C ALA B 88 -2.24 -8.78 -12.16
N GLU B 89 -2.76 -9.84 -11.51
CA GLU B 89 -2.54 -10.08 -10.09
C GLU B 89 -1.08 -10.38 -9.75
N ASP B 90 -0.17 -10.42 -10.71
CA ASP B 90 1.26 -10.48 -10.42
C ASP B 90 1.86 -9.11 -10.19
N THR B 91 1.06 -8.06 -10.32
CA THR B 91 1.58 -6.73 -10.13
C THR B 91 1.90 -6.63 -8.67
N ALA B 92 3.17 -6.36 -8.37
CA ALA B 92 3.68 -6.25 -7.01
C ALA B 92 5.08 -5.69 -6.98
N VAL B 93 5.54 -5.42 -5.78
CA VAL B 93 6.91 -5.06 -5.57
C VAL B 93 7.53 -6.40 -5.21
N TYR B 94 8.63 -6.75 -5.84
CA TYR B 94 9.27 -8.03 -5.59
C TYR B 94 10.56 -7.83 -4.81
N TYR B 95 10.70 -8.57 -3.71
CA TYR B 95 11.89 -8.54 -2.86
C TYR B 95 12.60 -9.88 -2.92
N CYS B 96 13.93 -9.86 -2.97
CA CYS B 96 14.71 -11.03 -2.63
C CYS B 96 15.16 -10.94 -1.18
N ALA B 97 15.37 -12.11 -0.57
CA ALA B 97 15.71 -12.20 0.84
C ALA B 97 16.58 -13.44 1.04
N ARG B 98 17.58 -13.32 1.90
CA ARG B 98 18.45 -14.46 2.18
C ARG B 98 17.98 -15.20 3.42
N ASP B 99 18.09 -16.52 3.38
CA ASP B 99 17.71 -17.38 4.49
C ASP B 99 18.85 -18.32 4.82
N ARG B 100 19.35 -18.22 6.04
CA ARG B 100 20.46 -19.05 6.50
C ARG B 100 20.14 -20.53 6.56
N GLY B 101 18.93 -20.84 6.99
CA GLY B 101 18.53 -22.21 7.11
C GLY B 101 18.71 -22.78 8.49
N ILE B 102 18.06 -23.90 8.72
CA ILE B 102 18.12 -24.61 9.98
C ILE B 102 17.89 -26.09 9.68
N GLY B 103 18.34 -26.95 10.57
CA GLY B 103 18.17 -28.36 10.41
C GLY B 103 19.22 -29.01 9.56
N ALA B 104 19.10 -30.30 9.43
CA ALA B 104 20.04 -31.07 8.65
C ALA B 104 20.04 -30.74 7.16
N ARG B 105 18.86 -30.50 6.61
CA ARG B 105 18.70 -30.22 5.20
C ARG B 105 18.80 -28.75 4.81
N ARG B 106 18.99 -27.89 5.80
CA ARG B 106 19.10 -26.44 5.64
C ARG B 106 17.88 -25.75 5.06
N GLY B 107 16.70 -26.27 5.37
CA GLY B 107 15.48 -25.66 4.94
C GLY B 107 15.26 -24.28 5.55
N PRO B 108 14.22 -23.57 5.11
CA PRO B 108 14.07 -22.16 5.49
C PRO B 108 13.92 -21.99 7.00
N TYR B 109 14.48 -20.88 7.49
CA TYR B 109 14.44 -20.55 8.91
C TYR B 109 13.94 -19.13 9.12
N TYR B 110 14.66 -18.15 8.57
CA TYR B 110 14.25 -16.77 8.68
C TYR B 110 14.98 -15.94 7.62
N MET B 111 14.45 -14.75 7.37
CA MET B 111 14.94 -13.88 6.31
C MET B 111 15.47 -12.60 6.97
N ASP B 112 16.79 -12.54 7.16
CA ASP B 112 17.39 -11.44 7.90
C ASP B 112 17.86 -10.30 7.02
N VAL B 113 18.10 -10.54 5.73
CA VAL B 113 18.57 -9.48 4.83
C VAL B 113 17.66 -9.45 3.61
N TRP B 114 17.22 -8.25 3.25
CA TRP B 114 16.28 -8.03 2.16
C TRP B 114 16.87 -7.00 1.20
N GLY B 115 16.42 -7.04 -0.04
CA GLY B 115 16.71 -5.97 -0.97
C GLY B 115 15.71 -4.85 -0.79
N LYS B 116 15.91 -3.78 -1.56
CA LYS B 116 14.96 -2.67 -1.55
C LYS B 116 13.71 -2.97 -2.37
N GLY B 117 13.79 -3.90 -3.31
CA GLY B 117 12.64 -4.31 -4.10
C GLY B 117 12.67 -3.77 -5.51
N THR B 118 11.90 -4.41 -6.39
CA THR B 118 11.73 -3.95 -7.76
C THR B 118 10.25 -4.07 -8.13
N THR B 119 9.74 -3.05 -8.82
CA THR B 119 8.30 -2.92 -9.06
C THR B 119 7.92 -3.53 -10.42
N VAL B 120 7.01 -4.49 -10.40
CA VAL B 120 6.46 -5.10 -11.61
C VAL B 120 5.01 -4.65 -11.77
N THR B 121 4.69 -4.03 -12.90
CA THR B 121 3.32 -3.64 -13.24
C THR B 121 2.88 -4.41 -14.48
N VAL B 122 1.87 -5.25 -14.32
CA VAL B 122 1.34 -6.06 -15.41
C VAL B 122 0.06 -5.41 -15.91
N SER B 123 0.13 -4.77 -17.08
CA SER B 123 -1.03 -4.08 -17.61
C SER B 123 -0.93 -4.00 -19.12
N SER B 124 -2.06 -4.10 -19.80
CA SER B 124 -2.15 -3.89 -21.23
C SER B 124 -2.43 -2.44 -21.59
N ALA B 125 -2.38 -1.54 -20.61
CA ALA B 125 -2.55 -0.13 -20.87
C ALA B 125 -1.25 0.47 -21.38
N SER B 126 -1.37 1.49 -22.22
CA SER B 126 -0.22 2.17 -22.81
C SER B 126 0.02 3.50 -22.11
N THR B 127 1.25 3.98 -22.23
CA THR B 127 1.65 5.23 -21.58
C THR B 127 0.73 6.36 -21.98
N LYS B 128 0.26 7.12 -20.99
CA LYS B 128 -0.73 8.17 -21.22
C LYS B 128 -0.64 9.21 -20.12
N GLY B 129 -0.49 10.47 -20.51
CA GLY B 129 -0.43 11.57 -19.57
C GLY B 129 -1.80 11.91 -19.01
N PRO B 130 -1.82 12.57 -17.86
CA PRO B 130 -3.10 12.82 -17.18
C PRO B 130 -3.86 14.00 -17.76
N SER B 131 -5.16 14.02 -17.47
CA SER B 131 -5.98 15.21 -17.61
C SER B 131 -6.21 15.77 -16.21
N VAL B 132 -5.93 17.06 -16.04
CA VAL B 132 -6.02 17.71 -14.75
C VAL B 132 -7.28 18.56 -14.71
N PHE B 133 -8.13 18.32 -13.72
CA PHE B 133 -9.40 19.00 -13.59
C PHE B 133 -9.47 19.71 -12.24
N PRO B 134 -10.09 20.88 -12.18
CA PRO B 134 -10.15 21.62 -10.90
C PRO B 134 -11.23 21.08 -9.99
N LEU B 135 -10.95 21.10 -8.69
CA LEU B 135 -11.95 20.87 -7.66
C LEU B 135 -12.25 22.24 -7.06
N ALA B 136 -13.31 22.88 -7.55
CA ALA B 136 -13.58 24.29 -7.28
C ALA B 136 -14.20 24.48 -5.89
N PRO B 137 -13.77 25.49 -5.15
CA PRO B 137 -14.26 25.69 -3.78
C PRO B 137 -15.50 26.58 -3.70
N SER B 138 -15.99 26.76 -2.47
CA SER B 138 -17.03 27.74 -2.15
C SER B 138 -17.19 27.89 -0.65
N THR B 146 -12.76 28.00 6.91
CA THR B 146 -11.89 27.06 6.22
C THR B 146 -12.50 26.65 4.91
N ALA B 147 -11.75 26.83 3.83
CA ALA B 147 -12.26 26.47 2.52
C ALA B 147 -11.37 25.39 1.91
N ALA B 148 -11.94 24.63 0.99
CA ALA B 148 -11.17 23.58 0.38
C ALA B 148 -11.25 23.56 -1.13
N LEU B 149 -10.11 23.35 -1.75
CA LEU B 149 -10.04 23.21 -3.19
C LEU B 149 -8.94 22.22 -3.53
N GLY B 150 -8.83 21.87 -4.81
CA GLY B 150 -7.83 20.91 -5.20
C GLY B 150 -7.88 20.56 -6.67
N CYS B 151 -7.05 19.59 -7.04
CA CYS B 151 -6.93 19.12 -8.41
C CYS B 151 -7.28 17.64 -8.49
N LEU B 152 -7.93 17.26 -9.58
CA LEU B 152 -8.23 15.88 -9.91
C LEU B 152 -7.34 15.46 -11.07
N VAL B 153 -6.40 14.56 -10.81
CA VAL B 153 -5.42 14.10 -11.80
C VAL B 153 -5.90 12.73 -12.28
N LYS B 154 -6.53 12.70 -13.46
CA LYS B 154 -7.30 11.54 -13.89
C LYS B 154 -6.75 10.95 -15.18
N ASP B 155 -6.78 9.61 -15.25
CA ASP B 155 -6.54 8.84 -16.48
C ASP B 155 -5.11 8.90 -16.97
N TYR B 156 -4.16 8.46 -16.15
CA TYR B 156 -2.77 8.41 -16.56
C TYR B 156 -2.22 7.00 -16.38
N PHE B 157 -1.09 6.74 -17.05
CA PHE B 157 -0.43 5.46 -16.94
C PHE B 157 0.98 5.60 -17.49
N PRO B 158 1.99 5.04 -16.82
CA PRO B 158 1.86 4.35 -15.53
C PRO B 158 2.07 5.30 -14.35
N GLU B 159 2.13 4.74 -13.14
CA GLU B 159 2.58 5.52 -12.00
C GLU B 159 4.05 5.88 -12.21
N PRO B 160 4.52 6.96 -11.56
CA PRO B 160 3.75 7.86 -10.70
C PRO B 160 3.49 9.22 -11.31
N VAL B 161 2.80 10.06 -10.55
CA VAL B 161 2.63 11.47 -10.88
C VAL B 161 2.88 12.27 -9.60
N THR B 162 3.58 13.39 -9.73
CA THR B 162 3.87 14.26 -8.60
C THR B 162 3.00 15.50 -8.66
N VAL B 163 2.60 16.00 -7.48
CA VAL B 163 1.72 17.16 -7.37
C VAL B 163 2.25 18.08 -6.28
N SER B 164 2.51 19.33 -6.64
CA SER B 164 2.81 20.38 -5.68
C SER B 164 1.88 21.55 -5.95
N TRP B 165 1.88 22.51 -5.03
CA TRP B 165 0.99 23.66 -5.12
C TRP B 165 1.80 24.96 -5.15
N ASN B 166 1.46 25.80 -6.11
CA ASN B 166 2.12 27.09 -6.29
C ASN B 166 3.61 26.94 -6.46
N SER B 167 4.03 25.96 -7.24
CA SER B 167 5.45 25.66 -7.49
C SER B 167 6.24 25.38 -6.23
N GLY B 168 5.61 24.69 -5.28
CA GLY B 168 6.21 24.33 -4.02
C GLY B 168 6.09 25.37 -2.93
N ALA B 169 5.56 26.54 -3.27
CA ALA B 169 5.41 27.58 -2.27
C ALA B 169 4.41 27.18 -1.21
N LEU B 170 3.31 26.57 -1.65
CA LEU B 170 2.27 26.18 -0.75
C LEU B 170 2.42 24.73 -0.39
N THR B 171 2.60 24.48 0.90
CA THR B 171 2.78 23.12 1.38
C THR B 171 1.83 22.75 2.50
N SER B 172 1.67 23.61 3.50
CA SER B 172 0.84 23.28 4.65
C SER B 172 -0.63 23.25 4.26
N GLY B 173 -1.33 22.23 4.76
CA GLY B 173 -2.73 22.04 4.42
C GLY B 173 -2.96 21.32 3.12
N VAL B 174 -1.99 20.54 2.63
CA VAL B 174 -2.09 19.84 1.35
C VAL B 174 -2.14 18.34 1.63
N HIS B 175 -3.10 17.67 1.00
CA HIS B 175 -3.22 16.21 1.06
C HIS B 175 -3.28 15.68 -0.36
N THR B 176 -2.20 15.03 -0.79
CA THR B 176 -2.15 14.35 -2.08
C THR B 176 -2.40 12.86 -1.81
N PHE B 177 -3.52 12.36 -2.30
CA PHE B 177 -3.98 11.03 -1.93
C PHE B 177 -3.26 9.95 -2.73
N PRO B 178 -3.19 8.74 -2.18
CA PRO B 178 -2.68 7.61 -2.97
C PRO B 178 -3.58 7.34 -4.16
N ALA B 179 -2.95 7.06 -5.30
CA ALA B 179 -3.69 6.86 -6.53
C ALA B 179 -4.53 5.60 -6.48
N VAL B 180 -5.61 5.59 -7.26
CA VAL B 180 -6.48 4.44 -7.39
C VAL B 180 -6.39 3.93 -8.83
N LEU B 181 -6.45 2.62 -8.99
CA LEU B 181 -6.50 2.00 -10.30
C LEU B 181 -7.96 1.81 -10.69
N GLN B 182 -8.38 2.48 -11.77
CA GLN B 182 -9.74 2.38 -12.27
C GLN B 182 -9.89 1.14 -13.14
N SER B 183 -11.15 0.78 -13.40
CA SER B 183 -11.43 -0.40 -14.21
C SER B 183 -10.93 -0.26 -15.65
N SER B 184 -10.75 0.96 -16.13
CA SER B 184 -10.12 1.18 -17.43
C SER B 184 -8.64 0.82 -17.43
N GLY B 185 -8.04 0.58 -16.28
CA GLY B 185 -6.62 0.31 -16.20
C GLY B 185 -5.75 1.55 -16.10
N LEU B 186 -6.35 2.73 -16.09
CA LEU B 186 -5.62 3.97 -15.87
C LEU B 186 -5.73 4.38 -14.41
N TYR B 187 -4.83 5.25 -13.99
CA TYR B 187 -4.77 5.67 -12.61
C TYR B 187 -5.44 7.04 -12.45
N SER B 188 -5.81 7.34 -11.21
CA SER B 188 -6.42 8.62 -10.88
C SER B 188 -6.07 8.96 -9.45
N LEU B 189 -5.86 10.25 -9.18
CA LEU B 189 -5.68 10.70 -7.81
C LEU B 189 -6.19 12.13 -7.69
N SER B 190 -6.40 12.55 -6.44
CA SER B 190 -6.79 13.91 -6.12
C SER B 190 -5.76 14.51 -5.18
N SER B 191 -5.50 15.80 -5.33
CA SER B 191 -4.70 16.57 -4.39
C SER B 191 -5.54 17.76 -3.94
N VAL B 192 -5.80 17.84 -2.63
CA VAL B 192 -6.64 18.89 -2.09
C VAL B 192 -5.82 19.77 -1.15
N VAL B 193 -6.20 21.03 -1.09
CA VAL B 193 -5.60 21.98 -0.16
C VAL B 193 -6.72 22.74 0.54
N THR B 194 -6.54 22.99 1.82
CA THR B 194 -7.51 23.74 2.62
C THR B 194 -6.91 25.08 3.02
N VAL B 195 -7.66 26.13 2.73
CA VAL B 195 -7.30 27.51 3.01
C VAL B 195 -8.48 28.30 3.58
N PRO B 196 -8.20 29.36 4.34
CA PRO B 196 -9.24 30.21 4.92
C PRO B 196 -10.09 30.87 3.84
N SER B 197 -11.37 31.08 4.12
CA SER B 197 -12.32 31.58 3.12
C SER B 197 -11.97 32.93 2.48
N SER B 198 -11.38 33.81 3.27
CA SER B 198 -11.02 35.15 2.82
C SER B 198 -10.04 35.17 1.65
N SER B 199 -9.11 34.22 1.63
CA SER B 199 -8.06 34.15 0.63
C SER B 199 -8.52 34.02 -0.82
N LEU B 200 -9.66 33.42 -1.05
CA LEU B 200 -10.09 33.19 -2.43
C LEU B 200 -10.22 34.42 -3.31
N GLY B 201 -10.63 35.55 -2.76
CA GLY B 201 -10.79 36.71 -3.63
C GLY B 201 -9.52 37.16 -4.33
N THR B 202 -8.40 37.19 -3.63
CA THR B 202 -7.17 37.63 -4.27
C THR B 202 -6.14 36.57 -4.64
N GLN B 203 -5.89 35.65 -3.73
CA GLN B 203 -4.89 34.61 -3.95
C GLN B 203 -5.25 33.66 -5.09
N THR B 204 -4.25 33.33 -5.91
CA THR B 204 -4.42 32.43 -7.02
C THR B 204 -3.81 31.12 -6.59
N TYR B 205 -4.46 30.03 -6.96
CA TYR B 205 -4.05 28.70 -6.58
C TYR B 205 -3.77 27.85 -7.81
N ILE B 206 -2.52 27.43 -7.97
CA ILE B 206 -2.07 26.59 -9.07
C ILE B 206 -1.58 25.26 -8.51
N CYS B 207 -2.01 24.17 -9.11
CA CYS B 207 -1.44 22.86 -8.82
C CYS B 207 -0.55 22.45 -9.97
N ASN B 208 0.61 21.87 -9.64
CA ASN B 208 1.66 21.56 -10.61
C ASN B 208 1.76 20.05 -10.75
N VAL B 209 1.30 19.54 -11.89
CA VAL B 209 1.23 18.11 -12.14
C VAL B 209 2.36 17.71 -13.07
N ASN B 210 3.16 16.75 -12.63
CA ASN B 210 4.25 16.25 -13.44
C ASN B 210 4.13 14.74 -13.57
N HIS B 211 4.07 14.26 -14.80
CA HIS B 211 4.03 12.83 -15.06
C HIS B 211 5.22 12.55 -15.95
N LYS B 212 6.29 12.04 -15.37
CA LYS B 212 7.52 11.78 -16.09
C LYS B 212 7.44 10.76 -17.22
N PRO B 213 6.70 9.68 -17.01
CA PRO B 213 6.64 8.64 -18.04
C PRO B 213 6.14 9.13 -19.38
N SER B 214 5.17 10.02 -19.41
CA SER B 214 4.66 10.54 -20.67
C SER B 214 5.23 11.91 -20.98
N ASN B 215 6.19 12.35 -20.19
CA ASN B 215 6.79 13.66 -20.35
C ASN B 215 5.73 14.75 -20.38
N THR B 216 4.87 14.73 -19.37
CA THR B 216 3.81 15.72 -19.26
C THR B 216 3.85 16.58 -18.02
N LYS B 217 3.94 17.90 -18.23
CA LYS B 217 3.88 18.89 -17.17
C LYS B 217 2.68 19.78 -17.40
N VAL B 218 1.85 19.96 -16.37
CA VAL B 218 0.62 20.72 -16.46
C VAL B 218 0.52 21.65 -15.26
N ASP B 219 0.17 22.91 -15.50
CA ASP B 219 -0.13 23.87 -14.44
C ASP B 219 -1.61 24.26 -14.54
N LYS B 220 -2.37 23.92 -13.52
CA LYS B 220 -3.79 24.23 -13.51
C LYS B 220 -4.15 25.16 -12.37
N ARG B 221 -4.88 26.21 -12.70
CA ARG B 221 -5.29 27.19 -11.72
C ARG B 221 -6.66 26.81 -11.21
N VAL B 222 -6.81 26.79 -9.90
CA VAL B 222 -8.08 26.42 -9.31
C VAL B 222 -8.81 27.70 -8.90
N GLU B 223 -9.97 27.92 -9.49
CA GLU B 223 -10.75 29.13 -9.24
C GLU B 223 -12.16 28.90 -8.78
N PRO B 224 -12.62 29.74 -7.84
CA PRO B 224 -14.02 29.59 -7.39
C PRO B 224 -14.97 29.99 -8.51
N LYS B 225 -15.88 29.09 -8.85
CA LYS B 225 -16.81 29.32 -9.95
C LYS B 225 -18.17 29.81 -9.44
N ALA C 2 5.15 -32.25 -4.01
CA ALA C 2 5.90 -32.63 -2.81
C ALA C 2 6.50 -31.40 -2.13
N GLU C 3 5.82 -30.93 -1.10
CA GLU C 3 6.26 -29.78 -0.33
C GLU C 3 7.35 -30.16 0.67
N PHE C 4 8.10 -29.17 1.14
CA PHE C 4 9.14 -29.40 2.12
C PHE C 4 8.61 -29.14 3.51
N ARG C 5 8.91 -30.04 4.44
CA ARG C 5 8.49 -29.88 5.81
C ARG C 5 9.65 -30.14 6.75
N HIS C 6 9.80 -29.31 7.76
CA HIS C 6 10.87 -29.51 8.74
C HIS C 6 10.60 -30.76 9.58
N ASP C 7 11.63 -31.52 9.84
CA ASP C 7 11.54 -32.77 10.63
C ASP C 7 10.68 -33.81 9.93
S SO4 D . 15.25 -30.85 8.84
O1 SO4 D . 15.25 -29.62 8.05
O2 SO4 D . 13.92 -31.44 8.83
O3 SO4 D . 15.63 -30.55 10.21
O4 SO4 D . 16.22 -31.79 8.26
#